data_3HS9
#
_entry.id   3HS9
#
_cell.length_a   122.088
_cell.length_b   47.103
_cell.length_c   58.945
_cell.angle_alpha   90.000
_cell.angle_beta   97.660
_cell.angle_gamma   90.000
#
_symmetry.space_group_name_H-M   'C 1 2 1'
#
loop_
_entity.id
_entity.type
_entity.pdbx_description
1 polymer 'AP-2 complex subunit beta-1'
2 polymer 'peptide from Intersectin-1, residues 841-851'
3 water water
#
loop_
_entity_poly.entity_id
_entity_poly.type
_entity_poly.pdbx_seq_one_letter_code
_entity_poly.pdbx_strand_id
1 'polypeptide(L)'
;MGSSHHHHHHSSGLVPRGSHMASGMAPGGYVAPKAVWLPAVKAKGLEISGTFTHRQGHIYMEMNFTNKALQHMTDFAIQF
NKNSFGVIPSTPLAIHTPLMPNQSIDVSLPLNTLGPVMKMEPLNNLQVAVKNNIDVFYFSCLIPLNVLFVEDGKMERQVF
LATWKDIPNENELQFQIKECHLNADTVSSKLQNNNVYTIAKRNVEGQDMLYQSLKLTNGIWILAELRIQPGNPNYTLSLK
CRAPEVSQYIYQVYDSILKN
;
A
2 'polypeptide(L)' PNNWADFSSTWP P
#
# COMPACT_ATOMS: atom_id res chain seq x y z
N GLY A 28 -12.26 6.46 -6.06
CA GLY A 28 -11.32 5.46 -5.47
C GLY A 28 -10.40 6.07 -4.43
N GLY A 29 -9.45 5.29 -3.95
CA GLY A 29 -8.46 5.82 -3.06
C GLY A 29 -7.33 6.50 -3.81
N TYR A 30 -6.29 6.86 -3.07
CA TYR A 30 -5.14 7.54 -3.61
C TYR A 30 -4.23 6.54 -4.33
N VAL A 31 -3.81 6.89 -5.55
CA VAL A 31 -2.87 6.05 -6.29
C VAL A 31 -1.61 6.81 -6.64
N ALA A 32 -0.48 6.40 -6.08
CA ALA A 32 0.79 7.01 -6.44
C ALA A 32 1.06 6.90 -7.94
N PRO A 33 1.58 7.98 -8.55
CA PRO A 33 2.08 7.78 -9.92
C PRO A 33 3.17 6.69 -9.92
N LYS A 34 3.32 5.97 -11.00
CA LYS A 34 4.29 4.87 -11.06
C LYS A 34 5.69 5.41 -10.88
N ALA A 35 6.64 4.52 -10.55
CA ALA A 35 7.99 4.92 -10.28
C ALA A 35 8.89 3.80 -10.78
N VAL A 36 9.94 4.13 -11.49
CA VAL A 36 10.87 3.08 -11.91
C VAL A 36 11.14 2.16 -10.71
N TRP A 37 10.93 0.87 -10.90
CA TRP A 37 11.18 -0.17 -9.92
C TRP A 37 12.42 -0.91 -10.37
N LEU A 38 12.55 -1.08 -11.68
CA LEU A 38 13.68 -1.79 -12.28
C LEU A 38 14.25 -0.98 -13.44
N PRO A 39 15.35 -0.22 -13.19
CA PRO A 39 15.93 0.62 -14.22
C PRO A 39 16.39 -0.25 -15.37
N ALA A 40 16.49 0.33 -16.55
CA ALA A 40 16.81 -0.40 -17.75
C ALA A 40 18.25 -0.88 -17.65
N VAL A 41 19.12 -0.03 -17.10
CA VAL A 41 20.55 -0.37 -16.97
C VAL A 41 20.85 -1.47 -15.96
N LYS A 42 19.87 -1.79 -15.12
CA LYS A 42 20.03 -2.84 -14.09
C LYS A 42 19.49 -4.21 -14.56
N ALA A 43 18.81 -4.22 -15.70
CA ALA A 43 18.17 -5.40 -16.23
C ALA A 43 18.34 -5.48 -17.74
N LYS A 44 19.55 -5.21 -18.21
CA LYS A 44 19.92 -5.30 -19.64
C LYS A 44 18.89 -4.69 -20.61
N GLY A 45 18.24 -3.61 -20.18
CA GLY A 45 17.36 -2.82 -21.05
C GLY A 45 15.90 -2.89 -20.65
N LEU A 46 15.58 -3.89 -19.81
CA LEU A 46 14.21 -4.11 -19.36
C LEU A 46 13.99 -3.07 -18.31
N GLU A 47 13.07 -2.17 -18.57
CA GLU A 47 12.70 -1.23 -17.56
C GLU A 47 11.29 -1.49 -17.14
N ILE A 48 11.08 -1.61 -15.82
CA ILE A 48 9.74 -1.75 -15.23
C ILE A 48 9.49 -0.66 -14.22
N SER A 49 8.29 -0.12 -14.27
CA SER A 49 7.87 0.91 -13.37
C SER A 49 6.48 0.55 -12.87
N GLY A 50 6.10 0.93 -11.65
CA GLY A 50 4.79 0.51 -11.15
C GLY A 50 4.18 1.30 -10.02
N THR A 51 2.97 0.91 -9.66
CA THR A 51 2.20 1.41 -8.55
C THR A 51 1.30 0.26 -8.05
N PHE A 52 0.38 0.57 -7.13
CA PHE A 52 -0.54 -0.40 -6.56
C PHE A 52 -1.89 0.28 -6.47
N THR A 53 -2.95 -0.51 -6.61
CA THR A 53 -4.32 0.04 -6.57
C THR A 53 -5.19 -0.89 -5.78
N HIS A 54 -6.33 -0.37 -5.37
CA HIS A 54 -7.35 -1.12 -4.66
C HIS A 54 -8.65 -0.62 -5.26
N ARG A 55 -9.22 -1.40 -6.16
CA ARG A 55 -10.43 -0.98 -6.85
C ARG A 55 -11.48 -2.09 -6.83
N GLN A 56 -12.68 -1.69 -6.40
CA GLN A 56 -13.80 -2.60 -6.05
C GLN A 56 -13.33 -3.77 -5.17
N GLY A 57 -12.52 -3.46 -4.16
CA GLY A 57 -12.05 -4.46 -3.21
C GLY A 57 -11.23 -5.58 -3.81
N HIS A 58 -10.29 -5.24 -4.71
CA HIS A 58 -9.28 -6.16 -5.20
C HIS A 58 -8.02 -5.37 -5.37
N ILE A 59 -6.90 -5.96 -5.01
CA ILE A 59 -5.60 -5.32 -5.07
C ILE A 59 -4.86 -5.64 -6.37
N TYR A 60 -4.32 -4.61 -7.02
CA TYR A 60 -3.50 -4.82 -8.23
C TYR A 60 -2.18 -4.12 -8.14
N MET A 61 -1.15 -4.83 -8.60
CA MET A 61 0.09 -4.21 -8.98
C MET A 61 -0.03 -3.72 -10.44
N GLU A 62 -0.02 -2.41 -10.61
CA GLU A 62 -0.13 -1.78 -11.94
C GLU A 62 1.25 -1.46 -12.48
N MET A 63 1.66 -2.23 -13.46
CA MET A 63 3.00 -2.14 -13.99
C MET A 63 3.03 -1.54 -15.38
N ASN A 64 4.23 -1.14 -15.78
CA ASN A 64 4.54 -0.83 -17.13
C ASN A 64 5.87 -1.48 -17.41
N PHE A 65 5.95 -2.27 -18.48
CA PHE A 65 7.23 -2.77 -19.03
C PHE A 65 7.54 -1.99 -20.31
N THR A 66 8.78 -1.50 -20.39
CA THR A 66 9.32 -0.84 -21.57
C THR A 66 10.61 -1.55 -21.96
N ASN A 67 10.79 -1.79 -23.26
CA ASN A 67 11.95 -2.54 -23.79
C ASN A 67 12.89 -1.54 -24.39
N LYS A 68 13.92 -1.17 -23.63
CA LYS A 68 14.82 -0.13 -24.08
C LYS A 68 16.10 -0.78 -24.54
N ALA A 69 15.98 -2.07 -24.83
CA ALA A 69 17.10 -2.92 -25.24
C ALA A 69 17.12 -3.05 -26.75
N LEU A 70 18.17 -3.68 -27.24
CA LEU A 70 18.36 -3.83 -28.68
C LEU A 70 17.41 -4.87 -29.32
N GLN A 71 17.08 -5.92 -28.57
CA GLN A 71 16.29 -7.02 -29.09
C GLN A 71 14.99 -7.30 -28.33
N HIS A 72 14.10 -8.07 -28.97
CA HIS A 72 12.82 -8.45 -28.38
C HIS A 72 12.99 -9.25 -27.09
N MET A 73 11.97 -9.17 -26.25
CA MET A 73 11.91 -9.90 -25.00
C MET A 73 10.65 -10.76 -24.91
N THR A 74 10.84 -11.99 -24.43
CA THR A 74 9.81 -13.02 -24.29
C THR A 74 9.96 -13.78 -22.96
N ASP A 75 9.06 -14.74 -22.73
CA ASP A 75 9.03 -15.62 -21.55
C ASP A 75 9.01 -14.86 -20.22
N PHE A 76 8.03 -13.98 -20.11
CA PHE A 76 7.87 -13.12 -18.93
C PHE A 76 7.17 -13.84 -17.79
N ALA A 77 7.68 -13.66 -16.58
CA ALA A 77 7.18 -14.34 -15.38
C ALA A 77 7.52 -13.58 -14.09
N ILE A 78 6.65 -13.67 -13.08
CA ILE A 78 6.85 -12.95 -11.82
C ILE A 78 6.69 -13.77 -10.53
N GLN A 79 7.58 -13.53 -9.57
CA GLN A 79 7.45 -14.10 -8.24
C GLN A 79 7.70 -13.04 -7.16
N PHE A 80 6.81 -13.02 -6.16
CA PHE A 80 6.96 -12.21 -4.96
C PHE A 80 7.59 -13.08 -3.89
N ASN A 81 8.55 -12.56 -3.15
CA ASN A 81 9.18 -13.30 -2.07
C ASN A 81 8.30 -13.19 -0.85
N LYS A 82 8.65 -13.94 0.20
CA LYS A 82 7.88 -13.90 1.46
C LYS A 82 7.81 -12.50 2.03
N ASN A 83 6.62 -12.08 2.47
CA ASN A 83 6.39 -10.70 2.91
C ASN A 83 5.27 -10.52 3.95
N SER A 84 5.38 -9.46 4.77
CA SER A 84 4.55 -9.21 5.98
C SER A 84 3.10 -9.51 5.82
N PHE A 85 2.56 -9.11 4.68
CA PHE A 85 1.10 -9.08 4.51
C PHE A 85 0.65 -10.26 3.63
N GLY A 86 1.66 -11.05 3.21
CA GLY A 86 1.44 -12.34 2.57
C GLY A 86 0.89 -12.11 1.20
N VAL A 87 1.45 -11.09 0.53
CA VAL A 87 1.00 -10.64 -0.78
C VAL A 87 1.60 -11.53 -1.87
N ILE A 88 0.73 -11.87 -2.82
CA ILE A 88 1.00 -12.92 -3.78
C ILE A 88 0.14 -12.53 -5.00
N PRO A 89 0.67 -12.69 -6.24
CA PRO A 89 -0.29 -12.52 -7.36
C PRO A 89 -1.33 -13.66 -7.52
N SER A 90 -2.48 -13.32 -8.10
CA SER A 90 -3.60 -14.23 -8.35
C SER A 90 -3.54 -15.00 -9.68
N THR A 91 -2.63 -14.62 -10.57
CA THR A 91 -2.50 -15.20 -11.92
C THR A 91 -1.04 -15.11 -12.30
N PRO A 92 -0.62 -15.79 -13.37
CA PRO A 92 0.71 -15.43 -13.89
C PRO A 92 0.69 -14.04 -14.54
N LEU A 93 1.87 -13.51 -14.84
CA LEU A 93 2.00 -12.27 -15.58
C LEU A 93 1.37 -12.54 -16.94
N ALA A 94 0.39 -11.72 -17.32
CA ALA A 94 -0.28 -11.89 -18.61
C ALA A 94 0.30 -10.90 -19.60
N ILE A 95 1.44 -11.28 -20.16
CA ILE A 95 2.05 -10.58 -21.29
C ILE A 95 2.57 -11.69 -22.25
N HIS A 96 1.64 -12.15 -23.09
CA HIS A 96 1.78 -13.36 -23.92
C HIS A 96 2.13 -12.94 -25.36
N THR A 97 3.24 -12.19 -25.44
CA THR A 97 3.52 -11.23 -26.50
C THR A 97 5.05 -11.14 -26.54
N PRO A 98 5.64 -10.94 -27.74
CA PRO A 98 7.03 -10.48 -27.67
C PRO A 98 7.06 -8.95 -27.45
N LEU A 99 7.84 -8.50 -26.45
CA LEU A 99 8.04 -7.07 -26.22
C LEU A 99 9.22 -6.56 -27.07
N MET A 100 8.88 -5.71 -28.04
CA MET A 100 9.79 -5.22 -29.07
C MET A 100 10.50 -3.96 -28.62
N PRO A 101 11.73 -3.70 -29.15
CA PRO A 101 12.46 -2.47 -28.79
C PRO A 101 11.61 -1.20 -28.80
N ASN A 102 11.76 -0.42 -27.73
CA ASN A 102 11.04 0.83 -27.49
C ASN A 102 9.54 0.71 -27.35
N GLN A 103 9.08 -0.53 -27.31
CA GLN A 103 7.69 -0.83 -27.03
C GLN A 103 7.47 -0.71 -25.52
N SER A 104 6.28 -0.24 -25.15
CA SER A 104 5.92 0.02 -23.79
C SER A 104 4.53 -0.52 -23.51
N ILE A 105 4.40 -1.40 -22.51
CA ILE A 105 3.06 -1.88 -22.14
C ILE A 105 2.70 -1.92 -20.66
N ASP A 106 1.44 -1.57 -20.41
CA ASP A 106 0.80 -1.54 -19.13
C ASP A 106 0.17 -2.88 -18.74
N VAL A 107 0.66 -3.47 -17.65
CA VAL A 107 0.19 -4.74 -17.14
C VAL A 107 -0.58 -4.52 -15.84
N SER A 108 -1.71 -5.19 -15.69
CA SER A 108 -2.51 -5.07 -14.46
C SER A 108 -2.61 -6.44 -13.83
N LEU A 109 -1.74 -6.67 -12.86
CA LEU A 109 -1.53 -7.95 -12.19
C LEU A 109 -2.35 -8.03 -10.93
N PRO A 110 -3.33 -8.96 -10.88
CA PRO A 110 -4.16 -8.98 -9.68
C PRO A 110 -3.39 -9.66 -8.53
N LEU A 111 -3.64 -9.22 -7.31
CA LEU A 111 -2.93 -9.75 -6.14
C LEU A 111 -3.91 -10.21 -5.08
N ASN A 112 -3.45 -11.08 -4.22
CA ASN A 112 -4.23 -11.53 -3.07
C ASN A 112 -3.23 -11.66 -1.91
N THR A 113 -3.76 -11.84 -0.72
CA THR A 113 -2.90 -11.91 0.49
C THR A 113 -2.96 -13.28 1.16
N LEU A 114 -2.98 -14.36 0.37
CA LEU A 114 -3.11 -15.71 0.93
C LEU A 114 -1.77 -16.43 0.99
N GLY A 115 -0.73 -15.73 0.58
CA GLY A 115 0.58 -16.34 0.36
C GLY A 115 1.45 -16.39 1.58
N PRO A 116 2.63 -17.02 1.47
CA PRO A 116 3.53 -17.08 2.64
C PRO A 116 3.80 -15.71 3.26
N VAL A 117 3.49 -15.61 4.56
CA VAL A 117 3.73 -14.41 5.35
C VAL A 117 5.15 -14.43 5.93
N MET A 118 5.75 -13.26 6.04
CA MET A 118 7.00 -13.05 6.77
C MET A 118 7.24 -11.56 7.00
N LYS A 119 7.29 -11.15 8.27
CA LYS A 119 7.55 -9.77 8.65
C LYS A 119 8.89 -9.28 8.08
N MET A 120 8.79 -8.23 7.27
CA MET A 120 9.90 -7.63 6.56
C MET A 120 10.42 -6.35 7.22
N GLU A 121 11.58 -5.91 6.78
CA GLU A 121 12.08 -4.62 7.18
C GLU A 121 12.62 -3.85 5.96
N PRO A 122 11.93 -2.75 5.54
CA PRO A 122 10.76 -2.11 6.17
C PRO A 122 9.50 -2.94 6.12
N LEU A 123 8.61 -2.74 7.07
CA LEU A 123 7.43 -3.60 7.17
C LEU A 123 6.69 -3.86 5.82
N ASN A 124 6.77 -2.91 4.89
CA ASN A 124 5.93 -2.93 3.67
C ASN A 124 6.70 -3.15 2.37
N ASN A 125 7.97 -3.49 2.52
CA ASN A 125 8.87 -3.91 1.46
C ASN A 125 8.45 -5.28 0.87
N LEU A 126 8.43 -5.31 -0.46
CA LEU A 126 8.11 -6.47 -1.25
C LEU A 126 9.33 -6.72 -2.14
N GLN A 127 9.87 -7.94 -2.06
CA GLN A 127 10.94 -8.37 -2.95
C GLN A 127 10.31 -9.10 -4.12
N VAL A 128 10.67 -8.69 -5.34
CA VAL A 128 10.09 -9.19 -6.57
C VAL A 128 11.23 -9.74 -7.48
N ALA A 129 10.90 -10.72 -8.32
CA ALA A 129 11.82 -11.26 -9.29
C ALA A 129 11.02 -11.32 -10.57
N VAL A 130 11.54 -10.71 -11.63
CA VAL A 130 10.93 -10.82 -12.95
C VAL A 130 11.90 -11.53 -13.87
N LYS A 131 11.35 -12.44 -14.66
CA LYS A 131 12.11 -13.24 -15.59
C LYS A 131 11.69 -12.86 -16.99
N ASN A 132 12.68 -12.84 -17.89
CA ASN A 132 12.41 -12.87 -19.33
C ASN A 132 13.32 -13.91 -20.04
N ASN A 133 13.35 -13.90 -21.36
CA ASN A 133 14.27 -14.80 -22.07
C ASN A 133 15.75 -14.50 -21.77
N ILE A 134 16.03 -13.36 -21.15
CA ILE A 134 17.41 -12.96 -20.99
C ILE A 134 17.91 -13.38 -19.63
N ASP A 135 17.21 -13.04 -18.56
CA ASP A 135 17.68 -13.36 -17.23
C ASP A 135 16.56 -13.25 -16.19
N VAL A 136 16.93 -13.53 -14.93
CA VAL A 136 16.04 -13.29 -13.81
C VAL A 136 16.55 -12.04 -13.12
N PHE A 137 15.66 -11.07 -12.94
CA PHE A 137 16.01 -9.78 -12.33
C PHE A 137 15.22 -9.55 -11.05
N TYR A 138 15.95 -9.14 -10.02
CA TYR A 138 15.40 -8.92 -8.67
C TYR A 138 15.21 -7.43 -8.40
N PHE A 139 14.07 -7.03 -7.84
CA PHE A 139 13.92 -5.64 -7.42
C PHE A 139 13.00 -5.57 -6.21
N SER A 140 12.97 -4.42 -5.56
CA SER A 140 12.15 -4.25 -4.38
C SER A 140 11.26 -3.02 -4.55
N CYS A 141 10.10 -3.03 -3.91
CA CYS A 141 9.23 -1.86 -3.93
C CYS A 141 8.39 -1.84 -2.68
N LEU A 142 7.94 -0.66 -2.29
CA LEU A 142 7.21 -0.53 -1.05
C LEU A 142 5.72 -0.44 -1.32
N ILE A 143 4.96 -1.40 -0.81
CA ILE A 143 3.51 -1.35 -0.86
C ILE A 143 2.95 -0.21 0.00
N PRO A 144 2.23 0.76 -0.63
CA PRO A 144 1.48 1.76 0.10
C PRO A 144 0.42 1.08 0.90
N LEU A 145 0.45 1.25 2.21
CA LEU A 145 -0.37 0.43 3.06
C LEU A 145 -1.86 0.60 2.80
N ASN A 146 -2.26 1.72 2.20
CA ASN A 146 -3.72 1.94 1.99
C ASN A 146 -4.42 0.94 1.03
N VAL A 147 -3.62 0.26 0.22
CA VAL A 147 -4.19 -0.67 -0.76
C VAL A 147 -4.59 -1.92 0.01
N LEU A 148 -3.97 -2.07 1.19
CA LEU A 148 -4.26 -3.17 2.08
C LEU A 148 -5.37 -2.87 3.08
N PHE A 149 -5.98 -1.69 3.03
CA PHE A 149 -7.09 -1.41 3.95
C PHE A 149 -8.35 -2.04 3.38
N VAL A 150 -9.09 -2.83 4.18
CA VAL A 150 -10.29 -3.52 3.65
C VAL A 150 -11.55 -2.70 3.79
N GLU A 151 -12.51 -2.95 2.89
CA GLU A 151 -13.77 -2.21 2.82
C GLU A 151 -14.58 -2.24 4.10
N ASP A 152 -14.12 -3.01 5.07
CA ASP A 152 -14.93 -3.37 6.23
C ASP A 152 -14.27 -2.93 7.53
N GLY A 153 -13.76 -1.70 7.53
CA GLY A 153 -12.95 -1.21 8.64
C GLY A 153 -13.69 -0.29 9.57
N LYS A 154 -14.95 -0.01 9.26
CA LYS A 154 -15.80 0.87 10.08
C LYS A 154 -16.30 0.17 11.36
N MET A 155 -15.52 0.32 12.44
CA MET A 155 -15.90 -0.15 13.78
C MET A 155 -17.23 0.49 14.25
N GLU A 156 -17.99 -0.24 15.08
CA GLU A 156 -19.19 0.30 15.76
C GLU A 156 -18.73 1.22 16.89
N ARG A 157 -19.50 2.28 17.16
CA ARG A 157 -19.04 3.36 18.06
C ARG A 157 -18.72 2.89 19.49
N GLN A 158 -19.62 2.09 20.08
CA GLN A 158 -19.42 1.50 21.41
C GLN A 158 -18.24 0.55 21.38
N VAL A 159 -18.14 -0.23 20.29
CA VAL A 159 -16.98 -1.09 20.08
C VAL A 159 -15.72 -0.26 19.92
N PHE A 160 -15.80 0.87 19.22
CA PHE A 160 -14.66 1.80 19.13
C PHE A 160 -14.27 2.26 20.53
N LEU A 161 -15.25 2.79 21.26
CA LEU A 161 -15.09 3.28 22.62
C LEU A 161 -14.38 2.26 23.52
N ALA A 162 -14.91 1.04 23.57
CA ALA A 162 -14.39 0.00 24.44
C ALA A 162 -13.02 -0.49 23.99
N THR A 163 -12.81 -0.54 22.67
CA THR A 163 -11.55 -1.02 22.09
C THR A 163 -10.45 0.02 22.28
N TRP A 164 -10.80 1.30 22.08
CA TRP A 164 -9.87 2.38 22.38
C TRP A 164 -9.43 2.34 23.86
N LYS A 165 -10.39 2.18 24.76
CA LYS A 165 -10.11 1.95 26.19
C LYS A 165 -9.20 0.71 26.38
N ASP A 166 -9.41 -0.30 25.55
CA ASP A 166 -8.78 -1.61 25.74
C ASP A 166 -7.31 -1.72 25.37
N ILE A 167 -6.93 -1.25 24.19
CA ILE A 167 -5.54 -1.32 23.74
C ILE A 167 -4.62 -0.73 24.83
N PRO A 168 -3.58 -1.51 25.26
CA PRO A 168 -2.51 -0.98 26.11
C PRO A 168 -2.15 0.44 25.71
N ASN A 169 -1.98 1.29 26.73
CA ASN A 169 -1.90 2.74 26.55
C ASN A 169 -0.57 3.22 25.97
N GLU A 170 0.45 2.36 26.09
CA GLU A 170 1.77 2.55 25.46
C GLU A 170 1.77 2.09 24.00
N ASN A 171 0.62 1.54 23.58
CA ASN A 171 0.33 1.23 22.18
C ASN A 171 -0.41 2.39 21.47
N GLU A 172 -0.45 3.55 22.13
CA GLU A 172 -0.95 4.77 21.49
C GLU A 172 0.23 5.61 20.99
N LEU A 173 0.14 6.02 19.74
CA LEU A 173 1.18 6.85 19.16
C LEU A 173 0.65 8.13 18.52
N GLN A 174 1.45 9.18 18.64
CA GLN A 174 1.07 10.54 18.24
C GLN A 174 1.87 10.98 17.01
N PHE A 175 1.18 11.57 16.04
CA PHE A 175 1.79 12.03 14.80
C PHE A 175 1.28 13.42 14.45
N GLN A 176 2.11 14.20 13.74
CA GLN A 176 1.72 15.52 13.21
C GLN A 176 1.57 15.48 11.69
N ILE A 177 0.38 15.79 11.17
CA ILE A 177 0.18 16.00 9.71
C ILE A 177 0.54 17.46 9.38
N LYS A 178 1.71 17.68 8.78
CA LYS A 178 2.22 19.02 8.53
C LYS A 178 1.49 19.78 7.43
N GLU A 179 1.62 21.11 7.42
CA GLU A 179 1.12 21.98 6.36
C GLU A 179 -0.10 21.46 5.59
N CYS A 180 -1.12 21.07 6.33
CA CYS A 180 -2.38 20.63 5.77
C CYS A 180 -3.46 21.65 6.12
N HIS A 181 -4.24 22.07 5.11
CA HIS A 181 -5.16 23.22 5.23
C HIS A 181 -6.63 22.92 5.00
N LEU A 182 -6.94 21.63 4.86
CA LEU A 182 -8.31 21.16 4.52
C LEU A 182 -9.16 21.06 5.76
N ASN A 183 -10.45 21.35 5.65
CA ASN A 183 -11.32 21.25 6.80
C ASN A 183 -11.75 19.80 7.11
N ALA A 184 -12.42 19.62 8.24
CA ALA A 184 -12.83 18.30 8.75
C ALA A 184 -13.62 17.49 7.74
N ASP A 185 -14.65 18.08 7.15
CA ASP A 185 -15.44 17.38 6.14
C ASP A 185 -14.59 16.82 5.03
N THR A 186 -13.67 17.62 4.54
CA THR A 186 -12.86 17.27 3.38
C THR A 186 -11.89 16.17 3.76
N VAL A 187 -11.34 16.28 4.96
CA VAL A 187 -10.45 15.26 5.52
C VAL A 187 -11.16 13.89 5.72
N SER A 188 -12.38 13.92 6.27
CA SER A 188 -13.18 12.74 6.49
C SER A 188 -13.63 12.14 5.16
N SER A 189 -13.77 12.99 4.17
CA SER A 189 -14.21 12.55 2.87
C SER A 189 -13.04 11.85 2.17
N LYS A 190 -11.92 12.55 2.04
CA LYS A 190 -10.75 11.99 1.39
C LYS A 190 -10.37 10.66 2.01
N LEU A 191 -10.51 10.59 3.32
CA LEU A 191 -9.98 9.48 4.11
C LEU A 191 -10.86 8.23 3.91
N GLN A 192 -12.18 8.46 3.82
CA GLN A 192 -13.17 7.42 3.58
C GLN A 192 -13.05 6.81 2.19
N ASN A 193 -12.56 7.60 1.22
CA ASN A 193 -12.28 7.10 -0.11
C ASN A 193 -11.20 6.02 -0.07
N ASN A 194 -10.38 6.06 0.97
CA ASN A 194 -9.33 5.08 1.18
C ASN A 194 -9.63 4.04 2.28
N ASN A 195 -10.92 3.95 2.65
CA ASN A 195 -11.39 2.97 3.64
C ASN A 195 -10.91 3.29 5.07
N VAL A 196 -10.73 4.57 5.37
CA VAL A 196 -10.41 5.02 6.72
C VAL A 196 -11.67 5.73 7.21
N TYR A 197 -12.34 5.13 8.19
CA TYR A 197 -13.71 5.52 8.49
C TYR A 197 -13.76 6.54 9.58
N THR A 198 -14.73 7.43 9.49
CA THR A 198 -14.96 8.45 10.50
C THR A 198 -16.18 8.02 11.31
N ILE A 199 -15.94 7.56 12.53
CA ILE A 199 -16.96 6.91 13.35
C ILE A 199 -17.84 7.93 14.06
N ALA A 200 -17.25 9.07 14.41
CA ALA A 200 -17.88 10.10 15.23
C ALA A 200 -17.03 11.36 15.21
N LYS A 201 -17.70 12.50 15.34
CA LYS A 201 -17.10 13.82 15.22
C LYS A 201 -17.44 14.64 16.47
N ARG A 202 -16.40 15.11 17.18
CA ARG A 202 -16.61 15.99 18.33
C ARG A 202 -15.88 17.35 18.25
N ASN A 203 -16.64 18.44 18.36
CA ASN A 203 -16.06 19.79 18.41
C ASN A 203 -15.92 20.28 19.85
N VAL A 204 -14.71 20.23 20.39
CA VAL A 204 -14.47 20.69 21.77
C VAL A 204 -13.36 21.76 21.83
N GLU A 205 -13.80 22.99 22.11
CA GLU A 205 -12.92 24.17 22.17
C GLU A 205 -12.53 24.68 20.78
N GLY A 206 -13.50 24.75 19.86
CA GLY A 206 -13.20 25.08 18.46
C GLY A 206 -12.19 24.15 17.76
N GLN A 207 -11.75 23.12 18.47
CA GLN A 207 -10.90 22.07 17.91
C GLN A 207 -11.73 20.89 17.47
N ASP A 208 -11.65 20.57 16.19
CA ASP A 208 -12.39 19.43 15.62
C ASP A 208 -11.70 18.12 15.97
N MET A 209 -12.52 17.12 16.30
CA MET A 209 -12.05 15.79 16.66
C MET A 209 -12.75 14.70 15.86
N LEU A 210 -11.95 13.93 15.13
CA LEU A 210 -12.44 12.84 14.29
C LEU A 210 -11.98 11.50 14.85
N TYR A 211 -12.94 10.59 15.01
CA TYR A 211 -12.64 9.21 15.46
C TYR A 211 -12.76 8.25 14.30
N GLN A 212 -11.68 7.51 14.06
CA GLN A 212 -11.47 6.81 12.80
C GLN A 212 -10.85 5.45 12.93
N SER A 213 -11.55 4.46 12.40
CA SER A 213 -10.99 3.11 12.36
C SER A 213 -10.62 2.70 10.95
N LEU A 214 -9.57 1.91 10.86
CA LEU A 214 -9.25 1.16 9.66
C LEU A 214 -8.79 -0.25 10.03
N LYS A 215 -9.10 -1.21 9.15
CA LYS A 215 -8.74 -2.61 9.27
C LYS A 215 -7.87 -3.00 8.08
N LEU A 216 -6.68 -3.54 8.35
CA LEU A 216 -5.82 -4.10 7.32
C LEU A 216 -6.31 -5.46 6.81
N THR A 217 -5.58 -6.02 5.84
CA THR A 217 -5.94 -7.29 5.22
C THR A 217 -5.69 -8.50 6.13
N ASN A 218 -4.59 -8.48 6.90
CA ASN A 218 -4.35 -9.50 7.93
C ASN A 218 -5.15 -9.31 9.24
N GLY A 219 -6.29 -8.62 9.16
CA GLY A 219 -7.20 -8.42 10.30
C GLY A 219 -6.91 -7.33 11.33
N ILE A 220 -5.64 -6.94 11.45
CA ILE A 220 -5.18 -5.88 12.37
C ILE A 220 -5.98 -4.58 12.28
N TRP A 221 -6.48 -4.10 13.43
CA TRP A 221 -7.20 -2.81 13.50
C TRP A 221 -6.27 -1.62 13.82
N ILE A 222 -6.60 -0.48 13.20
CA ILE A 222 -6.00 0.80 13.57
C ILE A 222 -7.11 1.79 13.89
N LEU A 223 -7.09 2.29 15.11
CA LEU A 223 -8.06 3.27 15.57
C LEU A 223 -7.31 4.58 15.66
N ALA A 224 -7.99 5.65 15.24
CA ALA A 224 -7.40 6.98 15.23
C ALA A 224 -8.33 8.02 15.79
N GLU A 225 -7.70 9.03 16.38
CA GLU A 225 -8.34 10.28 16.75
C GLU A 225 -7.56 11.34 15.97
N LEU A 226 -8.23 12.06 15.10
CA LEU A 226 -7.59 13.18 14.40
C LEU A 226 -8.14 14.54 14.88
N ARG A 227 -7.21 15.46 15.09
CA ARG A 227 -7.46 16.69 15.83
C ARG A 227 -7.13 17.90 14.98
N ILE A 228 -8.18 18.62 14.58
CA ILE A 228 -8.05 19.79 13.70
C ILE A 228 -8.37 21.07 14.46
N GLN A 229 -7.51 22.08 14.31
CA GLN A 229 -7.70 23.40 14.93
C GLN A 229 -7.41 24.54 13.96
N PRO A 230 -8.41 25.42 13.73
CA PRO A 230 -8.18 26.69 13.06
C PRO A 230 -7.01 27.40 13.74
N GLY A 231 -6.25 28.17 12.98
CA GLY A 231 -5.09 28.82 13.52
C GLY A 231 -3.84 28.08 13.08
N ASN A 232 -3.68 26.87 13.64
CA ASN A 232 -2.53 26.03 13.30
C ASN A 232 -2.81 25.08 12.14
N PRO A 233 -1.94 25.09 11.11
CA PRO A 233 -2.06 24.20 9.95
C PRO A 233 -1.31 22.88 10.16
N ASN A 234 -1.43 22.33 11.36
CA ASN A 234 -0.80 21.07 11.70
C ASN A 234 -1.81 20.22 12.45
N TYR A 235 -2.08 19.04 11.91
CA TYR A 235 -3.03 18.15 12.55
C TYR A 235 -2.32 17.15 13.43
N THR A 236 -2.94 16.87 14.57
CA THR A 236 -2.45 15.83 15.48
C THR A 236 -3.24 14.54 15.24
N LEU A 237 -2.47 13.46 15.05
CA LEU A 237 -3.01 12.16 14.76
C LEU A 237 -2.63 11.23 15.90
N SER A 238 -3.65 10.79 16.62
CA SER A 238 -3.49 9.75 17.66
C SER A 238 -3.95 8.37 17.15
N LEU A 239 -2.99 7.47 16.98
CA LEU A 239 -3.28 6.11 16.50
C LEU A 239 -3.14 5.06 17.62
N LYS A 240 -4.20 4.31 17.87
CA LYS A 240 -4.10 3.10 18.71
C LYS A 240 -4.24 1.84 17.85
N CYS A 241 -3.15 1.09 17.80
CA CYS A 241 -3.15 -0.23 17.15
C CYS A 241 -2.58 -1.31 18.09
N ARG A 242 -3.10 -2.53 17.97
CA ARG A 242 -2.57 -3.66 18.75
C ARG A 242 -1.14 -4.08 18.35
N ALA A 243 -0.77 -3.92 17.08
CA ALA A 243 0.63 -3.96 16.66
C ALA A 243 0.96 -2.55 16.20
N PRO A 244 1.56 -1.75 17.10
CA PRO A 244 1.80 -0.32 16.89
C PRO A 244 3.04 0.01 16.07
N GLU A 245 3.71 -1.02 15.55
CA GLU A 245 4.81 -0.83 14.59
C GLU A 245 4.27 -0.54 13.18
N VAL A 246 3.00 -0.86 13.00
CA VAL A 246 2.23 -0.54 11.81
C VAL A 246 1.96 0.97 11.71
N SER A 247 1.58 1.57 12.85
CA SER A 247 1.06 2.94 12.97
C SER A 247 1.84 4.02 12.25
N GLN A 248 3.16 3.88 12.19
CA GLN A 248 4.03 4.80 11.46
C GLN A 248 3.68 4.82 9.97
N TYR A 249 3.36 3.63 9.45
CA TYR A 249 3.08 3.44 8.05
C TYR A 249 1.67 3.92 7.80
N ILE A 250 0.81 3.84 8.80
CA ILE A 250 -0.55 4.39 8.69
C ILE A 250 -0.55 5.92 8.59
N TYR A 251 0.23 6.60 9.45
CA TYR A 251 0.40 8.06 9.40
C TYR A 251 0.91 8.54 8.02
N GLN A 252 1.96 7.88 7.54
CA GLN A 252 2.57 8.12 6.25
C GLN A 252 1.54 8.17 5.10
N VAL A 253 0.52 7.33 5.27
CA VAL A 253 -0.54 7.10 4.29
C VAL A 253 -1.60 8.15 4.52
N TYR A 254 -1.83 8.52 5.79
CA TYR A 254 -2.68 9.66 6.11
C TYR A 254 -2.06 10.87 5.41
N ASP A 255 -0.74 11.00 5.50
CA ASP A 255 -0.02 12.17 4.97
C ASP A 255 -0.12 12.31 3.46
N SER A 256 0.11 11.22 2.74
CA SER A 256 -0.02 11.22 1.29
C SER A 256 -1.45 11.40 0.80
N ILE A 257 -2.42 10.84 1.54
CA ILE A 257 -3.83 10.97 1.18
C ILE A 257 -4.27 12.43 1.26
N LEU A 258 -4.00 13.05 2.39
CA LEU A 258 -4.43 14.42 2.67
C LEU A 258 -3.59 15.49 1.95
N LYS A 259 -2.58 15.06 1.21
CA LYS A 259 -1.68 15.96 0.49
C LYS A 259 -1.81 15.87 -1.00
N ASN A 260 -2.43 14.79 -1.47
CA ASN A 260 -2.77 14.61 -2.87
C ASN A 260 -4.27 14.60 -3.09
N ASN B 2 21.47 -12.52 -3.95
CA ASN B 2 20.33 -13.09 -3.20
C ASN B 2 19.28 -13.70 -4.14
N ASN B 3 19.09 -15.01 -3.96
CA ASN B 3 18.55 -15.92 -4.99
C ASN B 3 17.32 -16.74 -4.57
N TRP B 4 16.34 -16.06 -4.01
CA TRP B 4 15.19 -16.73 -3.45
C TRP B 4 14.21 -17.29 -4.49
N ALA B 5 14.36 -16.86 -5.74
CA ALA B 5 13.35 -17.16 -6.77
C ALA B 5 13.63 -18.50 -7.49
N ASP B 6 12.57 -19.13 -8.00
CA ASP B 6 12.74 -20.36 -8.77
C ASP B 6 12.80 -20.11 -10.27
N PHE B 7 11.65 -20.24 -10.94
CA PHE B 7 11.54 -20.22 -12.42
C PHE B 7 12.30 -21.41 -13.02
N SER B 8 11.66 -22.57 -12.96
CA SER B 8 12.21 -23.79 -13.53
C SER B 8 11.40 -24.12 -14.78
N SER B 9 12.11 -24.59 -15.81
CA SER B 9 11.57 -24.82 -17.17
C SER B 9 10.78 -26.14 -17.29
N THR B 10 10.99 -27.04 -16.33
CA THR B 10 10.06 -28.15 -16.04
C THR B 10 9.66 -27.99 -14.55
N TRP B 11 8.46 -28.44 -14.15
CA TRP B 11 7.93 -27.98 -12.90
C TRP B 11 6.71 -28.72 -12.26
N PRO B 12 6.06 -29.55 -13.07
CA PRO B 12 4.89 -30.31 -12.61
C PRO B 12 5.07 -30.82 -11.17
#